data_5XSK
#
_entry.id   5XSK
#
_cell.length_a   32.402
_cell.length_b   32.402
_cell.length_c   205.820
_cell.angle_alpha   90.00
_cell.angle_beta   90.00
_cell.angle_gamma   120.00
#
_symmetry.space_group_name_H-M   'P 31'
#
loop_
_entity.id
_entity.type
_entity.pdbx_description
1 polymer "DNA (5'-D(P*TP*TP*CP*AP*AP*GP*AP*CP*CP*A)-3')"
2 polymer "DNA (5'-D(P*TP*GP*GP*TP*CP*TP*TP*GP*AP*A)-3')"
3 polymer 'Hepatoma-derived growth factor'
4 non-polymer (4S)-2-METHYL-2,4-PENTANEDIOL
#
loop_
_entity_poly.entity_id
_entity_poly.type
_entity_poly.pdbx_seq_one_letter_code
_entity_poly.pdbx_strand_id
1 'polydeoxyribonucleotide' (DT)(DT)(DC)(DA)(DA)(DG)(DA)(DC)(DC)(DA) D
2 'polydeoxyribonucleotide' (DT)(DG)(DG)(DT)(DC)(DT)(DT)(DG)(DA)(DA) F
3 'polypeptide(L)'
;MGSSHHHHHHSSGLVPRGSHMSRSNRQKEYKCGDLVFAKMKGYPHWPARIDEMPEAAVKSTANKYQVFFFGTHETAFLGP
KDLFPYEESKEKFGKPNKRKGFSEGLWEIENNPTVKASGY
;
A,B
#
# COMPACT_ATOMS: atom_id res chain seq x y z
N LYS C 28 13.35 1.15 6.54
CA LYS C 28 12.04 0.62 6.03
C LYS C 28 11.00 0.71 7.10
N GLU C 29 9.77 1.06 6.69
CA GLU C 29 8.61 1.12 7.57
C GLU C 29 8.70 2.27 8.58
N TYR C 30 7.67 3.11 8.59
CA TYR C 30 7.51 4.17 9.58
C TYR C 30 6.05 4.23 9.95
N LYS C 31 5.80 4.70 11.15
CA LYS C 31 4.46 4.96 11.65
C LYS C 31 4.15 6.43 11.47
N CYS C 32 2.85 6.72 11.55
CA CYS C 32 2.37 8.07 11.68
C CYS C 32 2.97 8.71 12.93
N GLY C 33 3.42 9.96 12.80
CA GLY C 33 3.99 10.73 13.90
C GLY C 33 5.43 10.43 14.33
N ASP C 34 6.15 9.62 13.56
CA ASP C 34 7.59 9.43 13.78
C ASP C 34 8.35 10.68 13.41
N LEU C 35 9.38 10.96 14.16
CA LEU C 35 10.18 12.13 13.90
C LEU C 35 11.35 11.68 13.07
N VAL C 36 11.64 12.44 12.03
CA VAL C 36 12.67 12.08 11.08
C VAL C 36 13.42 13.29 10.61
N PHE C 37 14.54 13.01 9.95
CA PHE C 37 15.21 13.95 9.07
C PHE C 37 14.84 13.49 7.70
N ALA C 38 14.60 14.42 6.79
CA ALA C 38 14.19 14.09 5.43
C ALA C 38 14.94 14.90 4.38
N LYS C 39 15.45 14.17 3.39
CA LYS C 39 16.34 14.73 2.39
C LYS C 39 15.52 15.05 1.18
N MET C 40 15.38 16.34 0.90
CA MET C 40 14.87 16.75 -0.40
C MET C 40 16.03 17.20 -1.28
N LYS C 41 15.90 16.97 -2.58
CA LYS C 41 16.92 17.37 -3.53
C LYS C 41 17.18 18.85 -3.41
N GLY C 42 18.44 19.20 -3.20
CA GLY C 42 18.83 20.61 -3.08
C GLY C 42 18.93 21.11 -1.65
N TYR C 43 18.44 20.32 -0.68
CA TYR C 43 18.38 20.72 0.73
C TYR C 43 19.17 19.76 1.63
N PRO C 44 19.65 20.24 2.78
CA PRO C 44 20.21 19.28 3.72
C PRO C 44 19.12 18.40 4.36
N HIS C 45 19.54 17.34 5.02
CA HIS C 45 18.62 16.46 5.72
C HIS C 45 17.84 17.35 6.67
N TRP C 46 16.52 17.29 6.60
CA TRP C 46 15.62 18.25 7.28
C TRP C 46 14.70 17.67 8.38
N PRO C 47 14.55 18.39 9.51
CA PRO C 47 13.62 17.92 10.52
C PRO C 47 12.19 17.81 9.99
N ALA C 48 11.57 16.67 10.26
CA ALA C 48 10.29 16.36 9.70
C ALA C 48 9.53 15.38 10.54
N ARG C 49 8.26 15.24 10.21
CA ARG C 49 7.37 14.33 10.85
C ARG C 49 6.66 13.54 9.76
N ILE C 50 6.38 12.26 10.04
CA ILE C 50 5.57 11.45 9.17
C ILE C 50 4.10 11.69 9.47
N ASP C 51 3.38 12.12 8.45
CA ASP C 51 1.94 12.33 8.51
C ASP C 51 1.18 11.24 7.76
N GLU C 52 -0.12 11.26 7.91
CA GLU C 52 -1.00 10.43 7.13
C GLU C 52 -0.96 10.86 5.69
N MET C 53 -1.08 9.88 4.80
CA MET C 53 -1.26 10.14 3.38
C MET C 53 -2.71 10.56 3.17
N PRO C 54 -3.00 11.25 2.03
CA PRO C 54 -4.36 11.64 1.65
C PRO C 54 -5.27 10.44 1.53
N GLU C 55 -6.42 10.50 2.19
CA GLU C 55 -7.36 9.39 2.20
C GLU C 55 -7.60 8.86 0.77
N ALA C 56 -7.85 9.76 -0.19
CA ALA C 56 -7.97 9.36 -1.61
C ALA C 56 -6.83 8.49 -2.09
N ALA C 57 -5.62 8.88 -1.77
CA ALA C 57 -4.46 8.11 -2.14
C ALA C 57 -4.48 6.72 -1.52
N VAL C 58 -4.85 6.61 -0.24
CA VAL C 58 -4.84 5.28 0.42
C VAL C 58 -6.01 4.43 -0.05
N LYS C 59 -7.20 5.01 -0.20
CA LYS C 59 -8.33 4.21 -0.64
C LYS C 59 -8.08 3.59 -2.02
N SER C 60 -7.36 4.28 -2.90
CA SER C 60 -7.05 3.76 -4.24
C SER C 60 -6.16 2.50 -4.29
N THR C 61 -5.51 2.12 -3.19
CA THR C 61 -4.62 0.93 -3.16
C THR C 61 -4.64 0.10 -1.87
N ALA C 62 -4.93 0.71 -0.72
CA ALA C 62 -4.99 -0.05 0.53
C ALA C 62 -6.03 -1.13 0.37
N ASN C 63 -5.61 -2.38 0.55
CA ASN C 63 -6.47 -3.55 0.34
C ASN C 63 -7.10 -3.52 -1.03
N LYS C 64 -6.26 -3.47 -2.05
CA LYS C 64 -6.66 -3.67 -3.43
C LYS C 64 -5.71 -4.68 -4.03
N TYR C 65 -6.21 -5.91 -4.24
CA TYR C 65 -5.47 -6.94 -4.96
C TYR C 65 -6.06 -7.09 -6.35
N GLN C 66 -5.24 -7.52 -7.29
CA GLN C 66 -5.71 -7.83 -8.61
C GLN C 66 -6.07 -9.30 -8.69
N VAL C 67 -7.21 -9.55 -9.31
CA VAL C 67 -7.79 -10.87 -9.32
C VAL C 67 -8.03 -11.30 -10.73
N PHE C 68 -7.34 -12.37 -11.10
CA PHE C 68 -7.60 -13.16 -12.28
C PHE C 68 -8.67 -14.19 -11.96
N PHE C 69 -9.53 -14.44 -12.92
CA PHE C 69 -10.73 -15.26 -12.76
C PHE C 69 -10.61 -16.46 -13.66
N PHE C 70 -10.79 -17.65 -13.10
CA PHE C 70 -10.69 -18.86 -13.90
C PHE C 70 -11.99 -19.04 -14.69
N GLY C 71 -11.83 -19.54 -15.91
CA GLY C 71 -12.94 -19.75 -16.83
C GLY C 71 -12.93 -18.62 -17.81
N THR C 72 -13.27 -17.45 -17.32
CA THR C 72 -13.42 -16.29 -18.17
C THR C 72 -12.10 -15.64 -18.47
N HIS C 73 -11.14 -15.79 -17.57
CA HIS C 73 -9.80 -15.20 -17.67
C HIS C 73 -9.81 -13.70 -17.55
N GLU C 74 -10.87 -13.11 -17.05
CA GLU C 74 -10.84 -11.68 -16.86
C GLU C 74 -10.24 -11.33 -15.54
N THR C 75 -9.93 -10.07 -15.31
CA THR C 75 -9.41 -9.66 -14.02
C THR C 75 -10.12 -8.46 -13.51
N ALA C 76 -9.90 -8.13 -12.27
CA ALA C 76 -10.54 -7.03 -11.64
C ALA C 76 -9.84 -6.82 -10.36
N PHE C 77 -10.22 -5.78 -9.64
CA PHE C 77 -9.52 -5.32 -8.45
C PHE C 77 -10.46 -5.48 -7.33
N LEU C 78 -10.01 -6.00 -6.20
CA LEU C 78 -10.94 -6.37 -5.13
C LEU C 78 -10.34 -6.25 -3.76
N GLY C 79 -11.22 -6.03 -2.79
CA GLY C 79 -10.85 -5.95 -1.38
C GLY C 79 -11.17 -7.23 -0.63
N PRO C 80 -10.66 -7.36 0.60
CA PRO C 80 -10.70 -8.67 1.22
C PRO C 80 -12.10 -9.14 1.63
N LYS C 81 -13.05 -8.23 1.80
CA LYS C 81 -14.44 -8.63 2.02
C LYS C 81 -14.90 -9.62 0.96
N ASP C 82 -14.56 -9.31 -0.30
CA ASP C 82 -15.02 -10.05 -1.47
C ASP C 82 -14.12 -11.23 -1.86
N LEU C 83 -13.15 -11.57 -1.01
CA LEU C 83 -12.27 -12.70 -1.25
C LEU C 83 -12.41 -13.73 -0.14
N PHE C 84 -12.41 -15.00 -0.54
CA PHE C 84 -12.60 -16.10 0.37
C PHE C 84 -11.59 -17.12 -0.09
N PRO C 85 -10.86 -17.76 0.83
CA PRO C 85 -9.89 -18.75 0.37
C PRO C 85 -10.50 -20.02 -0.21
N TYR C 86 -9.94 -20.48 -1.32
CA TYR C 86 -10.30 -21.77 -1.90
C TYR C 86 -9.79 -22.90 -1.00
N GLU C 87 -10.25 -24.13 -1.20
CA GLU C 87 -9.91 -25.32 -0.35
C GLU C 87 -10.73 -25.20 0.93
N GLU C 88 -10.48 -24.10 1.65
CA GLU C 88 -11.23 -23.72 2.85
C GLU C 88 -12.70 -23.35 2.60
N SER C 89 -13.16 -23.27 1.34
CA SER C 89 -14.60 -23.07 1.09
C SER C 89 -15.09 -23.61 -0.25
N LYS C 90 -14.53 -24.73 -0.68
CA LYS C 90 -14.92 -25.33 -1.95
C LYS C 90 -16.24 -26.09 -1.85
N GLU C 91 -16.64 -26.53 -0.65
CA GLU C 91 -17.96 -27.13 -0.52
C GLU C 91 -19.03 -26.04 -0.51
N LYS C 92 -18.74 -24.91 0.14
CA LYS C 92 -19.68 -23.79 0.14
C LYS C 92 -19.94 -23.21 -1.26
N PHE C 93 -18.90 -22.68 -1.90
CA PHE C 93 -19.03 -21.96 -3.18
C PHE C 93 -18.66 -22.76 -4.44
N GLY C 94 -18.17 -23.99 -4.28
CA GLY C 94 -17.82 -24.81 -5.44
C GLY C 94 -18.93 -25.62 -6.09
N LYS C 95 -20.19 -25.34 -5.76
CA LYS C 95 -21.30 -26.15 -6.27
C LYS C 95 -21.58 -25.68 -7.69
N PRO C 96 -21.87 -26.64 -8.60
CA PRO C 96 -21.98 -26.37 -10.04
C PRO C 96 -22.91 -25.22 -10.38
N ASN C 97 -22.56 -24.48 -11.41
CA ASN C 97 -23.23 -23.23 -11.70
C ASN C 97 -23.27 -22.99 -13.20
N LYS C 98 -24.35 -22.37 -13.63
CA LYS C 98 -24.69 -22.25 -15.03
C LYS C 98 -24.12 -21.01 -15.72
N ARG C 99 -23.53 -20.08 -14.95
CA ARG C 99 -22.99 -18.83 -15.53
C ARG C 99 -21.85 -19.20 -16.47
N LYS C 100 -21.69 -18.42 -17.54
CA LYS C 100 -20.74 -18.73 -18.60
C LYS C 100 -19.29 -18.72 -18.12
N GLY C 101 -18.63 -19.88 -18.20
CA GLY C 101 -17.24 -20.09 -17.79
C GLY C 101 -17.01 -20.59 -16.36
N PHE C 102 -18.04 -20.93 -15.63
CA PHE C 102 -17.88 -21.26 -14.22
C PHE C 102 -17.34 -22.66 -14.01
N SER C 103 -17.94 -23.63 -14.69
CA SER C 103 -17.49 -25.03 -14.66
C SER C 103 -16.06 -25.10 -15.08
N GLU C 104 -15.76 -24.33 -16.11
CA GLU C 104 -14.43 -24.21 -16.67
C GLU C 104 -13.48 -23.67 -15.58
N GLY C 105 -13.93 -22.65 -14.87
CA GLY C 105 -13.20 -22.12 -13.73
C GLY C 105 -12.92 -23.09 -12.59
N LEU C 106 -13.90 -23.93 -12.29
CA LEU C 106 -13.71 -24.98 -11.28
C LEU C 106 -12.77 -26.07 -11.75
N TRP C 107 -12.69 -26.25 -13.06
CA TRP C 107 -11.70 -27.17 -13.63
C TRP C 107 -10.30 -26.57 -13.54
N GLU C 108 -10.10 -25.38 -14.13
CA GLU C 108 -8.78 -24.73 -14.19
C GLU C 108 -8.14 -24.56 -12.82
N ILE C 109 -8.92 -24.17 -11.82
CA ILE C 109 -8.35 -23.88 -10.51
C ILE C 109 -7.80 -25.12 -9.86
N GLU C 110 -8.37 -26.26 -10.22
CA GLU C 110 -7.96 -27.56 -9.71
C GLU C 110 -7.03 -28.31 -10.68
N ASN C 111 -7.04 -27.95 -11.96
CA ASN C 111 -6.30 -28.68 -13.01
C ASN C 111 -5.23 -27.88 -13.75
N ASN C 112 -5.39 -26.57 -13.79
CA ASN C 112 -4.48 -25.69 -14.50
C ASN C 112 -4.34 -24.35 -13.77
N PRO C 113 -4.06 -24.41 -12.46
CA PRO C 113 -4.21 -23.23 -11.60
C PRO C 113 -3.31 -22.06 -11.94
N THR C 114 -2.23 -22.31 -12.69
CA THR C 114 -1.25 -21.29 -13.06
C THR C 114 -1.45 -20.77 -14.46
N VAL C 115 -2.69 -20.69 -14.94
CA VAL C 115 -2.97 -20.34 -16.35
C VAL C 115 -2.22 -19.07 -16.73
N LYS C 116 -2.51 -17.98 -16.03
CA LYS C 116 -1.65 -16.78 -15.99
C LYS C 116 -1.72 -16.19 -17.38
N ALA C 117 -2.86 -16.44 -18.05
CA ALA C 117 -3.11 -16.09 -19.45
C ALA C 117 -4.18 -14.99 -19.53
N GLN D 27 -10.70 -12.48 6.84
CA GLN D 27 -9.28 -12.49 6.31
C GLN D 27 -8.84 -11.14 5.74
N LYS D 28 -7.53 -10.88 5.72
CA LYS D 28 -6.90 -9.77 4.99
C LYS D 28 -5.62 -10.27 4.27
N GLU D 29 -4.56 -9.43 4.18
CA GLU D 29 -3.18 -9.77 3.66
C GLU D 29 -3.02 -11.07 2.82
N TYR D 30 -3.72 -11.18 1.68
CA TYR D 30 -3.48 -12.27 0.73
C TYR D 30 -2.15 -12.07 0.03
N LYS D 31 -1.64 -13.15 -0.56
CA LYS D 31 -0.35 -13.17 -1.23
C LYS D 31 -0.52 -13.51 -2.69
N CYS D 32 0.50 -13.16 -3.47
CA CYS D 32 0.49 -13.42 -4.90
C CYS D 32 0.44 -14.94 -5.16
N GLY D 33 -0.54 -15.36 -5.96
CA GLY D 33 -0.76 -16.78 -6.26
C GLY D 33 -1.69 -17.54 -5.32
N ASP D 34 -2.35 -16.84 -4.40
CA ASP D 34 -3.34 -17.48 -3.54
C ASP D 34 -4.60 -17.74 -4.33
N LEU D 35 -5.14 -18.93 -4.17
CA LEU D 35 -6.36 -19.32 -4.83
C LEU D 35 -7.50 -18.89 -3.92
N VAL D 36 -8.56 -18.37 -4.54
CA VAL D 36 -9.68 -17.81 -3.83
C VAL D 36 -10.95 -17.99 -4.61
N PHE D 37 -12.06 -17.79 -3.92
CA PHE D 37 -13.33 -17.46 -4.54
C PHE D 37 -13.46 -15.96 -4.46
N ALA D 38 -13.92 -15.32 -5.51
CA ALA D 38 -13.99 -13.87 -5.57
C ALA D 38 -15.38 -13.41 -5.96
N LYS D 39 -15.88 -12.41 -5.24
CA LYS D 39 -17.28 -11.97 -5.37
C LYS D 39 -17.40 -10.63 -6.09
N MET D 40 -17.94 -10.69 -7.30
CA MET D 40 -18.27 -9.51 -8.05
C MET D 40 -19.78 -9.35 -8.10
N LYS D 41 -20.23 -8.15 -8.42
CA LYS D 41 -21.67 -7.83 -8.44
C LYS D 41 -22.34 -8.49 -9.64
N GLY D 42 -23.35 -9.32 -9.35
CA GLY D 42 -24.16 -9.98 -10.38
C GLY D 42 -23.74 -11.40 -10.69
N TYR D 43 -22.63 -11.83 -10.07
CA TYR D 43 -22.08 -13.15 -10.30
C TYR D 43 -22.00 -13.89 -8.96
N PRO D 44 -21.98 -15.24 -8.98
CA PRO D 44 -21.72 -15.98 -7.74
C PRO D 44 -20.27 -15.87 -7.31
N HIS D 45 -19.98 -16.39 -6.13
CA HIS D 45 -18.61 -16.43 -5.63
C HIS D 45 -17.85 -17.20 -6.68
N TRP D 46 -16.75 -16.62 -7.15
CA TRP D 46 -16.08 -17.09 -8.39
C TRP D 46 -14.63 -17.56 -8.22
N PRO D 47 -14.27 -18.71 -8.79
CA PRO D 47 -12.91 -19.21 -8.63
C PRO D 47 -11.86 -18.31 -9.28
N ALA D 48 -10.87 -17.94 -8.49
CA ALA D 48 -9.93 -16.92 -8.91
C ALA D 48 -8.58 -17.14 -8.29
N ARG D 49 -7.62 -16.43 -8.84
CA ARG D 49 -6.28 -16.34 -8.30
C ARG D 49 -5.93 -14.89 -8.15
N ILE D 50 -5.16 -14.59 -7.11
CA ILE D 50 -4.67 -13.27 -6.86
C ILE D 50 -3.41 -13.05 -7.68
N ASP D 51 -3.44 -12.08 -8.59
CA ASP D 51 -2.24 -11.67 -9.33
C ASP D 51 -1.51 -10.47 -8.69
N GLU D 52 -0.42 -10.05 -9.30
CA GLU D 52 0.25 -8.80 -8.94
C GLU D 52 -0.56 -7.63 -9.45
N MET D 53 -0.52 -6.54 -8.70
CA MET D 53 -1.06 -5.27 -9.18
C MET D 53 -0.10 -4.70 -10.22
N PRO D 54 -0.60 -3.75 -11.05
CA PRO D 54 0.24 -3.11 -12.05
C PRO D 54 1.39 -2.36 -11.38
N GLU D 55 2.60 -2.55 -11.90
CA GLU D 55 3.79 -1.90 -11.34
C GLU D 55 3.60 -0.38 -11.12
N ALA D 56 3.04 0.33 -12.10
CA ALA D 56 2.70 1.77 -11.95
C ALA D 56 1.86 2.07 -10.74
N ALA D 57 0.77 1.34 -10.57
CA ALA D 57 -0.13 1.52 -9.44
C ALA D 57 0.62 1.30 -8.13
N VAL D 58 1.39 0.23 -8.09
CA VAL D 58 2.18 -0.10 -6.91
C VAL D 58 3.14 1.05 -6.63
N LYS D 59 4.03 1.34 -7.58
CA LYS D 59 5.01 2.40 -7.40
C LYS D 59 4.40 3.72 -6.93
N SER D 60 3.19 4.04 -7.38
CA SER D 60 2.52 5.29 -6.98
C SER D 60 2.27 5.45 -5.48
N THR D 61 2.10 4.36 -4.73
CA THR D 61 1.93 4.43 -3.25
C THR D 61 2.82 3.51 -2.41
N ALA D 62 3.56 2.58 -3.03
CA ALA D 62 4.40 1.68 -2.27
C ALA D 62 5.58 2.46 -1.72
N ASN D 63 5.83 2.30 -0.42
CA ASN D 63 6.96 2.98 0.25
C ASN D 63 6.99 4.44 -0.11
N LYS D 64 5.87 5.08 0.17
CA LYS D 64 5.68 6.51 -0.02
C LYS D 64 4.98 7.03 1.22
N TYR D 65 5.67 7.89 1.96
CA TYR D 65 5.12 8.51 3.15
C TYR D 65 4.88 9.98 2.91
N GLN D 66 3.85 10.54 3.55
CA GLN D 66 3.62 11.97 3.52
C GLN D 66 4.36 12.63 4.67
N VAL D 67 5.43 13.33 4.31
CA VAL D 67 6.28 14.01 5.23
C VAL D 67 5.85 15.45 5.36
N PHE D 68 5.94 15.97 6.58
CA PHE D 68 5.69 17.36 6.92
C PHE D 68 7.01 17.87 7.43
N PHE D 69 7.44 19.04 6.97
CA PHE D 69 8.74 19.58 7.31
C PHE D 69 8.62 20.68 8.38
N PHE D 70 9.39 20.55 9.46
CA PHE D 70 9.39 21.58 10.49
C PHE D 70 10.07 22.86 10.01
N GLY D 71 9.59 23.99 10.50
CA GLY D 71 10.13 25.29 10.14
C GLY D 71 9.35 25.84 8.99
N THR D 72 9.45 25.17 7.85
CA THR D 72 8.85 25.66 6.63
C THR D 72 7.41 25.28 6.62
N HIS D 73 7.11 24.08 7.11
CA HIS D 73 5.76 23.50 7.12
C HIS D 73 5.31 23.06 5.74
N GLU D 74 6.23 22.97 4.77
CA GLU D 74 5.87 22.39 3.47
C GLU D 74 5.67 20.88 3.61
N THR D 75 5.25 20.24 2.53
CA THR D 75 4.92 18.83 2.58
C THR D 75 5.45 18.15 1.34
N ALA D 76 5.81 16.90 1.46
CA ALA D 76 6.22 16.12 0.32
C ALA D 76 5.98 14.64 0.57
N PHE D 77 6.34 13.82 -0.41
CA PHE D 77 6.14 12.40 -0.36
C PHE D 77 7.47 11.78 -0.60
N LEU D 78 7.87 10.84 0.25
CA LEU D 78 9.23 10.33 0.20
C LEU D 78 9.28 8.86 0.46
N GLY D 79 10.29 8.20 -0.11
CA GLY D 79 10.55 6.79 0.17
C GLY D 79 11.49 6.69 1.34
N PRO D 80 11.60 5.50 1.96
CA PRO D 80 12.50 5.30 3.09
C PRO D 80 13.97 5.66 2.83
N LYS D 81 14.38 5.59 1.57
CA LYS D 81 15.70 6.08 1.16
C LYS D 81 16.03 7.46 1.76
N ASP D 82 15.06 8.37 1.65
CA ASP D 82 15.25 9.76 2.05
C ASP D 82 14.81 10.07 3.48
N LEU D 83 14.60 9.05 4.29
CA LEU D 83 14.20 9.22 5.69
C LEU D 83 15.22 8.63 6.63
N PHE D 84 15.47 9.34 7.72
CA PHE D 84 16.46 8.95 8.71
C PHE D 84 15.78 9.26 10.04
N PRO D 85 15.75 8.31 10.99
CA PRO D 85 15.03 8.65 12.21
C PRO D 85 15.72 9.73 13.02
N TYR D 86 14.92 10.55 13.68
CA TYR D 86 15.42 11.54 14.63
C TYR D 86 15.85 10.82 15.90
N GLU D 87 16.72 11.44 16.69
CA GLU D 87 17.38 10.84 17.89
C GLU D 87 18.59 10.06 17.38
N GLU D 88 18.33 8.93 16.70
CA GLU D 88 19.34 8.12 16.01
C GLU D 88 20.31 8.92 15.13
N SER D 89 19.94 10.12 14.69
CA SER D 89 20.82 10.89 13.81
C SER D 89 20.76 12.40 13.98
N LYS D 90 20.32 12.89 15.13
CA LYS D 90 20.44 14.33 15.44
C LYS D 90 21.89 14.79 15.65
N GLU D 91 22.84 13.86 15.75
CA GLU D 91 24.28 14.20 15.74
C GLU D 91 24.69 14.64 14.33
N LYS D 92 24.49 13.74 13.38
CA LYS D 92 24.90 13.96 11.99
C LYS D 92 24.18 15.18 11.42
N PHE D 93 22.86 15.11 11.37
CA PHE D 93 22.05 16.03 10.58
C PHE D 93 21.53 17.25 11.35
N GLY D 94 21.65 17.23 12.67
CA GLY D 94 21.08 18.29 13.51
C GLY D 94 21.92 19.52 13.78
N LYS D 95 22.95 19.75 12.95
CA LYS D 95 23.91 20.82 13.21
C LYS D 95 23.39 22.07 12.53
N PRO D 96 23.63 23.26 13.13
CA PRO D 96 23.22 24.56 12.60
C PRO D 96 23.43 24.78 11.09
N ASN D 97 22.41 25.32 10.43
CA ASN D 97 22.40 25.52 8.98
C ASN D 97 21.65 26.82 8.69
N LYS D 98 22.03 27.49 7.62
CA LYS D 98 21.53 28.84 7.34
C LYS D 98 20.35 28.90 6.37
N ARG D 99 19.90 27.75 5.87
CA ARG D 99 18.73 27.72 4.98
C ARG D 99 17.49 28.27 5.70
N LYS D 100 16.58 28.84 4.90
CA LYS D 100 15.31 29.41 5.40
C LYS D 100 14.56 28.37 6.23
N GLY D 101 14.41 28.63 7.52
CA GLY D 101 13.55 27.81 8.38
C GLY D 101 14.17 26.58 8.99
N PHE D 102 15.46 26.36 8.80
CA PHE D 102 16.08 25.17 9.35
C PHE D 102 16.27 25.27 10.84
N SER D 103 16.63 26.46 11.33
CA SER D 103 16.88 26.64 12.76
C SER D 103 15.60 26.53 13.55
N GLU D 104 14.57 27.20 13.09
CA GLU D 104 13.24 27.05 13.60
C GLU D 104 12.83 25.61 13.59
N GLY D 105 13.05 24.99 12.47
CA GLY D 105 12.80 23.55 12.29
C GLY D 105 13.38 22.69 13.40
N LEU D 106 14.64 22.93 13.73
CA LEU D 106 15.27 22.18 14.83
C LEU D 106 14.67 22.54 16.17
N TRP D 107 14.26 23.79 16.33
CA TRP D 107 13.54 24.18 17.52
C TRP D 107 12.15 23.53 17.63
N GLU D 108 11.42 23.44 16.52
CA GLU D 108 10.06 22.87 16.52
C GLU D 108 10.04 21.36 16.77
N ILE D 109 10.98 20.63 16.20
CA ILE D 109 10.98 19.16 16.34
C ILE D 109 11.24 18.77 17.78
N GLU D 110 11.83 19.66 18.57
CA GLU D 110 12.10 19.42 19.98
C GLU D 110 11.01 20.00 20.90
N ASN D 111 10.63 21.24 20.65
CA ASN D 111 9.78 22.01 21.56
C ASN D 111 8.31 22.00 21.24
N ASN D 112 7.99 21.78 19.96
CA ASN D 112 6.61 21.76 19.51
C ASN D 112 6.42 20.76 18.35
N PRO D 113 6.56 19.45 18.61
CA PRO D 113 6.56 18.52 17.47
C PRO D 113 5.19 18.27 16.82
N THR D 114 4.16 18.95 17.30
CA THR D 114 2.78 18.71 16.96
C THR D 114 2.24 19.77 16.02
N VAL D 115 3.10 20.61 15.44
CA VAL D 115 2.65 21.90 14.91
C VAL D 115 1.52 21.73 13.91
N LYS D 116 1.77 20.95 12.87
CA LYS D 116 0.67 20.31 12.15
C LYS D 116 -0.18 21.45 11.59
N ALA D 117 0.49 22.49 11.09
CA ALA D 117 -0.14 23.74 10.63
C ALA D 117 0.38 24.16 9.25
#